data_2PIV
#
_entry.id   2PIV
#
_cell.length_a   56.400
_cell.length_b   66.020
_cell.length_c   72.700
_cell.angle_alpha   90.00
_cell.angle_beta   90.00
_cell.angle_gamma   90.00
#
_symmetry.space_group_name_H-M   'P 21 21 21'
#
loop_
_entity.id
_entity.type
_entity.pdbx_description
1 polymer 'Androgen receptor'
2 non-polymer 'SULFATE ION'
3 non-polymer 5-ALPHA-DIHYDROTESTOSTERONE
4 non-polymer "3,5,3'TRIIODOTHYRONINE"
5 water water
#
_entity_poly.entity_id   1
_entity_poly.type   'polypeptide(L)'
_entity_poly.pdbx_seq_one_letter_code
;CQPIFLNVLEAIEPGVVCAGHDNNQPDSFAALLSSLNELGERQLVHVVKWAKALPGFRNLHVDDQMAVIQYSWMGLMVFA
MGWRSFTNVNSRMLYFAPDLVFNEYRMHKSRMYSQCVRMRHLSQEFGWLQITPQEFLCMKALLLFSIIPVDGLKNQKFFD
ELRMNYIKELDRIIACKRKNPTSCSRRFYQLTKLLDSVQPIARELHQFTFDLLIKSHMVSVDFPEMMAEIISVQVPKILS
GKVKPIYFHTQ
;
_entity_poly.pdbx_strand_id   A
#
loop_
_chem_comp.id
_chem_comp.type
_chem_comp.name
_chem_comp.formula
DHT non-polymer 5-ALPHA-DIHYDROTESTOSTERONE 'C19 H30 O2'
SO4 non-polymer 'SULFATE ION' 'O4 S -2'
T3 non-polymer 3,5,3'TRIIODOTHYRONINE 'C15 H12 I3 N O4'
#
# COMPACT_ATOMS: atom_id res chain seq x y z
N GLN A 2 -17.90 -2.35 18.73
CA GLN A 2 -16.54 -2.83 18.36
C GLN A 2 -15.51 -2.34 19.38
N PRO A 3 -14.32 -2.95 19.42
CA PRO A 3 -13.36 -2.45 20.41
C PRO A 3 -12.92 -1.04 20.01
N ILE A 4 -12.20 -0.37 20.91
CA ILE A 4 -11.73 0.97 20.65
C ILE A 4 -10.83 0.98 19.42
N PHE A 5 -9.90 0.03 19.36
CA PHE A 5 -8.94 -0.08 18.26
C PHE A 5 -9.64 -0.04 16.90
N LEU A 6 -10.72 -0.82 16.77
CA LEU A 6 -11.46 -0.89 15.52
C LEU A 6 -12.17 0.42 15.22
N ASN A 7 -12.73 1.07 16.23
CA ASN A 7 -13.41 2.35 16.00
C ASN A 7 -12.45 3.36 15.39
N VAL A 8 -11.21 3.38 15.88
CA VAL A 8 -10.19 4.31 15.41
C VAL A 8 -9.83 4.05 13.96
N LEU A 9 -9.55 2.80 13.62
CA LEU A 9 -9.19 2.46 12.25
C LEU A 9 -10.25 2.85 11.24
N GLU A 10 -11.51 2.62 11.58
CA GLU A 10 -12.61 2.92 10.67
C GLU A 10 -12.84 4.42 10.59
N ALA A 11 -12.52 5.12 11.67
CA ALA A 11 -12.70 6.57 11.73
C ALA A 11 -11.64 7.36 10.98
N ILE A 12 -10.40 6.90 11.01
CA ILE A 12 -9.30 7.60 10.34
C ILE A 12 -9.10 7.18 8.89
N GLU A 13 -9.84 6.17 8.45
CA GLU A 13 -9.71 5.68 7.09
C GLU A 13 -9.93 6.82 6.08
N PRO A 14 -8.89 7.14 5.28
CA PRO A 14 -8.96 8.21 4.28
C PRO A 14 -10.15 8.07 3.34
N GLY A 15 -10.69 9.20 2.90
CA GLY A 15 -11.82 9.19 1.99
C GLY A 15 -11.37 9.07 0.54
N VAL A 16 -12.28 9.33 -0.39
CA VAL A 16 -11.99 9.25 -1.81
C VAL A 16 -10.99 10.33 -2.23
N VAL A 17 -10.03 9.93 -3.05
CA VAL A 17 -9.02 10.85 -3.54
C VAL A 17 -8.95 10.79 -5.08
N CYS A 18 -9.16 11.95 -5.71
CA CYS A 18 -9.12 12.03 -7.17
C CYS A 18 -7.70 12.25 -7.67
N ALA A 19 -7.41 11.78 -8.88
CA ALA A 19 -6.08 11.93 -9.46
C ALA A 19 -5.96 13.22 -10.25
N GLY A 20 -7.11 13.79 -10.62
CA GLY A 20 -7.10 15.02 -11.37
C GLY A 20 -6.73 14.77 -12.82
N HIS A 21 -6.89 13.54 -13.27
CA HIS A 21 -6.56 13.16 -14.64
C HIS A 21 -7.63 13.67 -15.62
N ASP A 22 -7.18 14.20 -16.74
CA ASP A 22 -8.07 14.71 -17.76
C ASP A 22 -8.43 13.58 -18.74
N ASN A 23 -9.51 12.87 -18.42
CA ASN A 23 -9.98 11.77 -19.25
C ASN A 23 -10.36 12.22 -20.67
N ASN A 24 -10.31 13.52 -20.91
CA ASN A 24 -10.65 14.06 -22.22
C ASN A 24 -9.45 13.89 -23.15
N GLN A 25 -8.32 13.48 -22.60
CA GLN A 25 -7.10 13.28 -23.37
C GLN A 25 -6.88 11.81 -23.67
N PRO A 26 -6.36 11.51 -24.88
CA PRO A 26 -6.10 10.12 -25.29
C PRO A 26 -5.18 9.45 -24.28
N ASP A 27 -5.34 8.14 -24.11
CA ASP A 27 -4.52 7.40 -23.15
C ASP A 27 -3.09 7.21 -23.64
N SER A 28 -2.22 8.15 -23.27
CA SER A 28 -0.81 8.07 -23.65
C SER A 28 -0.01 7.71 -22.41
N PHE A 29 1.18 7.14 -22.61
CA PHE A 29 2.03 6.75 -21.51
C PHE A 29 2.35 7.95 -20.62
N ALA A 30 2.77 9.05 -21.23
CA ALA A 30 3.12 10.24 -20.48
C ALA A 30 1.96 10.76 -19.62
N ALA A 31 0.78 10.85 -20.22
CA ALA A 31 -0.40 11.36 -19.52
C ALA A 31 -0.85 10.44 -18.40
N LEU A 32 -0.87 9.14 -18.68
CA LEU A 32 -1.30 8.16 -17.69
C LEU A 32 -0.38 8.11 -16.46
N LEU A 33 0.92 8.03 -16.70
CA LEU A 33 1.87 7.96 -15.60
C LEU A 33 1.97 9.27 -14.84
N SER A 34 1.81 10.37 -15.55
CA SER A 34 1.86 11.68 -14.90
C SER A 34 0.71 11.80 -13.90
N SER A 35 -0.46 11.32 -14.30
CA SER A 35 -1.62 11.37 -13.41
C SER A 35 -1.43 10.42 -12.24
N LEU A 36 -0.83 9.27 -12.50
CA LEU A 36 -0.57 8.29 -11.45
C LEU A 36 0.37 8.87 -10.40
N ASN A 37 1.33 9.69 -10.85
CA ASN A 37 2.28 10.32 -9.94
C ASN A 37 1.57 11.38 -9.13
N GLU A 38 0.73 12.18 -9.78
CA GLU A 38 0.00 13.24 -9.11
C GLU A 38 -0.90 12.62 -8.06
N LEU A 39 -1.46 11.47 -8.40
CA LEU A 39 -2.33 10.73 -7.49
C LEU A 39 -1.48 10.26 -6.30
N GLY A 40 -0.28 9.77 -6.58
CA GLY A 40 0.60 9.30 -5.53
C GLY A 40 0.92 10.42 -4.57
N GLU A 41 1.17 11.61 -5.11
CA GLU A 41 1.48 12.78 -4.30
C GLU A 41 0.31 13.08 -3.36
N ARG A 42 -0.89 13.14 -3.93
CA ARG A 42 -2.10 13.43 -3.17
C ARG A 42 -2.35 12.39 -2.09
N GLN A 43 -2.25 11.11 -2.49
CA GLN A 43 -2.45 10.03 -1.54
C GLN A 43 -1.42 10.07 -0.42
N LEU A 44 -0.22 10.52 -0.74
CA LEU A 44 0.85 10.58 0.24
C LEU A 44 0.44 11.49 1.40
N VAL A 45 -0.20 12.61 1.08
CA VAL A 45 -0.64 13.56 2.09
C VAL A 45 -1.62 12.89 3.05
N HIS A 46 -2.55 12.12 2.49
CA HIS A 46 -3.56 11.43 3.31
C HIS A 46 -2.90 10.34 4.15
N VAL A 47 -1.96 9.62 3.53
CA VAL A 47 -1.24 8.55 4.23
C VAL A 47 -0.53 9.12 5.47
N VAL A 48 0.13 10.27 5.30
CA VAL A 48 0.81 10.90 6.42
C VAL A 48 -0.16 11.20 7.57
N LYS A 49 -1.29 11.84 7.25
CA LYS A 49 -2.29 12.19 8.26
C LYS A 49 -2.85 10.92 8.88
N TRP A 50 -3.14 9.94 8.03
CA TRP A 50 -3.67 8.66 8.47
C TRP A 50 -2.74 7.97 9.47
N ALA A 51 -1.45 7.90 9.10
CA ALA A 51 -0.46 7.26 9.95
C ALA A 51 -0.33 7.93 11.31
N LYS A 52 -0.17 9.24 11.32
CA LYS A 52 -0.04 10.00 12.56
C LYS A 52 -1.28 9.87 13.44
N ALA A 53 -2.37 9.39 12.86
CA ALA A 53 -3.62 9.22 13.59
C ALA A 53 -3.77 7.78 14.08
N LEU A 54 -2.81 6.94 13.71
CA LEU A 54 -2.82 5.53 14.12
C LEU A 54 -2.38 5.38 15.57
N PRO A 55 -3.07 4.53 16.33
CA PRO A 55 -2.76 4.28 17.74
C PRO A 55 -1.28 3.93 17.97
N GLY A 56 -0.61 4.72 18.81
CA GLY A 56 0.77 4.47 19.15
C GLY A 56 1.82 4.92 18.16
N PHE A 57 1.39 5.34 16.97
CA PHE A 57 2.34 5.75 15.94
C PHE A 57 3.24 6.88 16.43
N ARG A 58 2.63 7.89 17.04
CA ARG A 58 3.38 9.03 17.57
C ARG A 58 4.38 8.62 18.66
N ASN A 59 4.25 7.41 19.18
CA ASN A 59 5.18 6.91 20.19
C ASN A 59 6.55 6.62 19.58
N LEU A 60 6.60 6.44 18.25
CA LEU A 60 7.85 6.17 17.55
C LEU A 60 8.60 7.48 17.42
N HIS A 61 9.93 7.38 17.31
CA HIS A 61 10.74 8.57 17.15
C HIS A 61 10.28 9.29 15.87
N VAL A 62 10.22 10.62 15.93
CA VAL A 62 9.77 11.41 14.80
C VAL A 62 10.46 11.03 13.49
N ASP A 63 11.76 10.76 13.55
CA ASP A 63 12.50 10.38 12.34
C ASP A 63 12.06 9.01 11.82
N ASP A 64 11.75 8.09 12.73
CA ASP A 64 11.31 6.76 12.35
C ASP A 64 9.89 6.82 11.78
N GLN A 65 9.14 7.84 12.18
CA GLN A 65 7.77 8.00 11.70
C GLN A 65 7.80 8.31 10.21
N MET A 66 8.69 9.22 9.81
CA MET A 66 8.82 9.60 8.41
C MET A 66 9.47 8.49 7.60
N ALA A 67 10.40 7.77 8.23
CA ALA A 67 11.09 6.67 7.56
C ALA A 67 10.12 5.56 7.14
N VAL A 68 9.37 5.02 8.10
CA VAL A 68 8.42 3.95 7.80
C VAL A 68 7.40 4.36 6.75
N ILE A 69 6.96 5.61 6.80
CA ILE A 69 6.02 6.11 5.81
C ILE A 69 6.65 6.18 4.41
N GLN A 70 7.87 6.70 4.35
CA GLN A 70 8.57 6.84 3.07
C GLN A 70 8.95 5.51 2.45
N TYR A 71 8.95 4.45 3.27
CA TYR A 71 9.28 3.11 2.78
C TYR A 71 8.06 2.23 2.45
N SER A 72 6.97 2.41 3.19
CA SER A 72 5.82 1.57 2.97
C SER A 72 4.66 2.20 2.23
N TRP A 73 4.80 3.46 1.80
CA TRP A 73 3.69 4.12 1.10
C TRP A 73 3.24 3.31 -0.13
N MET A 74 4.20 2.74 -0.85
CA MET A 74 3.85 1.99 -2.06
C MET A 74 2.94 0.81 -1.73
N GLY A 75 3.38 -0.01 -0.80
CA GLY A 75 2.62 -1.18 -0.39
C GLY A 75 1.27 -0.82 0.17
N LEU A 76 1.22 0.28 0.92
CA LEU A 76 -0.01 0.76 1.52
C LEU A 76 -1.02 1.16 0.47
N MET A 77 -0.58 1.95 -0.52
CA MET A 77 -1.46 2.43 -1.58
C MET A 77 -1.96 1.31 -2.51
N VAL A 78 -1.06 0.40 -2.87
CA VAL A 78 -1.42 -0.72 -3.73
C VAL A 78 -2.48 -1.60 -3.05
N PHE A 79 -2.30 -1.84 -1.76
CA PHE A 79 -3.23 -2.67 -1.00
C PHE A 79 -4.60 -1.97 -0.94
N ALA A 80 -4.60 -0.68 -0.64
CA ALA A 80 -5.85 0.08 -0.57
C ALA A 80 -6.53 0.11 -1.94
N MET A 81 -5.74 0.27 -2.99
CA MET A 81 -6.27 0.31 -4.34
C MET A 81 -6.92 -1.02 -4.67
N GLY A 82 -6.27 -2.12 -4.30
CA GLY A 82 -6.83 -3.44 -4.57
C GLY A 82 -8.19 -3.58 -3.90
N TRP A 83 -8.31 -3.09 -2.67
CA TRP A 83 -9.57 -3.15 -1.95
C TRP A 83 -10.64 -2.31 -2.63
N ARG A 84 -10.27 -1.11 -3.07
CA ARG A 84 -11.21 -0.23 -3.77
C ARG A 84 -11.73 -0.92 -5.04
N SER A 85 -10.80 -1.45 -5.82
CA SER A 85 -11.12 -2.15 -7.06
C SER A 85 -12.11 -3.30 -6.82
N PHE A 86 -11.88 -4.06 -5.77
CA PHE A 86 -12.75 -5.18 -5.43
C PHE A 86 -14.15 -4.70 -5.10
N THR A 87 -14.22 -3.69 -4.25
CA THR A 87 -15.47 -3.11 -3.78
C THR A 87 -16.23 -2.30 -4.82
N ASN A 88 -15.51 -1.60 -5.69
CA ASN A 88 -16.16 -0.76 -6.71
C ASN A 88 -16.49 -1.48 -8.02
N VAL A 89 -15.47 -2.06 -8.65
CA VAL A 89 -15.69 -2.76 -9.92
C VAL A 89 -15.47 -4.26 -9.84
N ASN A 90 -15.65 -4.81 -8.64
CA ASN A 90 -15.51 -6.24 -8.41
C ASN A 90 -14.19 -6.78 -8.98
N SER A 91 -13.13 -6.00 -8.81
CA SER A 91 -11.79 -6.38 -9.29
C SER A 91 -11.66 -6.53 -10.79
N ARG A 92 -12.71 -6.13 -11.54
CA ARG A 92 -12.69 -6.23 -12.99
C ARG A 92 -11.61 -5.31 -13.56
N MET A 93 -11.43 -4.16 -12.94
CA MET A 93 -10.42 -3.20 -13.37
C MET A 93 -9.70 -2.62 -12.16
N LEU A 94 -8.60 -1.91 -12.38
CA LEU A 94 -7.85 -1.30 -11.30
C LEU A 94 -8.43 0.09 -11.03
N TYR A 95 -9.08 0.23 -9.88
CA TYR A 95 -9.72 1.48 -9.50
C TYR A 95 -8.76 2.39 -8.73
N PHE A 96 -7.79 2.95 -9.42
CA PHE A 96 -6.80 3.83 -8.79
C PHE A 96 -7.53 5.01 -8.18
N ALA A 97 -8.46 5.58 -8.95
CA ALA A 97 -9.24 6.71 -8.49
C ALA A 97 -10.49 6.79 -9.36
N PRO A 98 -11.55 7.46 -8.85
CA PRO A 98 -12.81 7.61 -9.60
C PRO A 98 -12.59 8.20 -10.99
N ASP A 99 -11.57 9.04 -11.13
CA ASP A 99 -11.27 9.66 -12.42
C ASP A 99 -10.05 9.01 -13.09
N LEU A 100 -9.61 7.88 -12.57
CA LEU A 100 -8.45 7.19 -13.14
C LEU A 100 -8.60 5.67 -12.99
N VAL A 101 -9.51 5.09 -13.76
CA VAL A 101 -9.76 3.66 -13.70
C VAL A 101 -9.06 3.00 -14.89
N PHE A 102 -8.22 2.02 -14.60
CA PHE A 102 -7.47 1.33 -15.64
C PHE A 102 -8.16 0.10 -16.21
N ASN A 103 -8.35 0.10 -17.52
CA ASN A 103 -8.93 -1.04 -18.22
C ASN A 103 -7.78 -1.75 -18.94
N GLU A 104 -8.09 -2.79 -19.70
CA GLU A 104 -7.07 -3.54 -20.42
C GLU A 104 -6.18 -2.62 -21.24
N TYR A 105 -6.81 -1.77 -22.06
CA TYR A 105 -6.08 -0.85 -22.92
C TYR A 105 -5.09 0.01 -22.14
N ARG A 106 -5.54 0.62 -21.05
CA ARG A 106 -4.68 1.48 -20.24
C ARG A 106 -3.55 0.68 -19.57
N MET A 107 -3.83 -0.56 -19.19
CA MET A 107 -2.81 -1.39 -18.57
C MET A 107 -1.64 -1.54 -19.55
N HIS A 108 -1.96 -1.74 -20.82
CA HIS A 108 -0.95 -1.88 -21.86
C HIS A 108 -0.24 -0.55 -22.09
N LYS A 109 -1.03 0.50 -22.26
CA LYS A 109 -0.51 1.84 -22.49
C LYS A 109 0.40 2.32 -21.37
N SER A 110 0.11 1.90 -20.14
CA SER A 110 0.90 2.30 -18.98
C SER A 110 2.30 1.68 -19.02
N ARG A 111 2.51 0.75 -19.95
CA ARG A 111 3.80 0.06 -20.10
C ARG A 111 4.19 -0.73 -18.86
N MET A 112 3.17 -1.16 -18.12
CA MET A 112 3.38 -1.97 -16.92
C MET A 112 2.21 -2.94 -16.77
N TYR A 113 1.87 -3.58 -17.88
CA TYR A 113 0.76 -4.52 -17.92
C TYR A 113 0.93 -5.66 -16.93
N SER A 114 2.12 -6.26 -16.92
CA SER A 114 2.38 -7.39 -16.03
C SER A 114 2.15 -6.98 -14.57
N GLN A 115 2.67 -5.82 -14.19
CA GLN A 115 2.50 -5.33 -12.82
C GLN A 115 1.01 -5.15 -12.49
N CYS A 116 0.27 -4.61 -13.47
CA CYS A 116 -1.16 -4.39 -13.27
C CYS A 116 -1.88 -5.72 -13.09
N VAL A 117 -1.42 -6.74 -13.79
CA VAL A 117 -2.01 -8.07 -13.68
C VAL A 117 -1.85 -8.59 -12.25
N ARG A 118 -0.66 -8.41 -11.70
CA ARG A 118 -0.39 -8.85 -10.33
C ARG A 118 -1.25 -8.09 -9.33
N MET A 119 -1.47 -6.81 -9.58
CA MET A 119 -2.31 -6.00 -8.69
C MET A 119 -3.78 -6.43 -8.78
N ARG A 120 -4.19 -6.85 -9.98
CA ARG A 120 -5.56 -7.30 -10.16
C ARG A 120 -5.76 -8.61 -9.41
N HIS A 121 -4.73 -9.47 -9.45
CA HIS A 121 -4.79 -10.75 -8.74
C HIS A 121 -4.95 -10.48 -7.24
N LEU A 122 -4.14 -9.55 -6.74
CA LEU A 122 -4.20 -9.16 -5.32
C LEU A 122 -5.60 -8.67 -5.01
N SER A 123 -6.15 -7.87 -5.92
CA SER A 123 -7.50 -7.31 -5.78
C SER A 123 -8.53 -8.45 -5.68
N GLN A 124 -8.37 -9.46 -6.52
CA GLN A 124 -9.28 -10.59 -6.52
C GLN A 124 -9.15 -11.41 -5.25
N GLU A 125 -7.95 -11.46 -4.68
CA GLU A 125 -7.73 -12.21 -3.44
C GLU A 125 -8.69 -11.77 -2.35
N PHE A 126 -9.01 -10.48 -2.33
CA PHE A 126 -9.96 -9.95 -1.33
C PHE A 126 -11.31 -10.69 -1.44
N GLY A 127 -11.69 -11.00 -2.67
CA GLY A 127 -12.95 -11.70 -2.89
C GLY A 127 -12.83 -13.18 -2.61
N TRP A 128 -11.80 -13.82 -3.19
CA TRP A 128 -11.60 -15.24 -2.98
C TRP A 128 -11.50 -15.60 -1.50
N LEU A 129 -10.83 -14.76 -0.73
CA LEU A 129 -10.67 -15.01 0.70
C LEU A 129 -11.78 -14.38 1.52
N GLN A 130 -12.70 -13.68 0.84
CA GLN A 130 -13.81 -13.02 1.52
C GLN A 130 -13.32 -12.14 2.69
N ILE A 131 -12.35 -11.27 2.40
CA ILE A 131 -11.81 -10.39 3.42
C ILE A 131 -12.86 -9.45 3.96
N THR A 132 -12.96 -9.35 5.27
CA THR A 132 -13.93 -8.43 5.86
C THR A 132 -13.34 -7.01 6.00
N PRO A 133 -14.21 -6.00 6.07
CA PRO A 133 -13.77 -4.59 6.20
C PRO A 133 -12.82 -4.43 7.39
N GLN A 134 -13.11 -5.13 8.49
CA GLN A 134 -12.26 -5.03 9.68
C GLN A 134 -10.90 -5.67 9.44
N GLU A 135 -10.89 -6.79 8.73
CA GLU A 135 -9.65 -7.47 8.42
C GLU A 135 -8.79 -6.61 7.49
N PHE A 136 -9.42 -5.99 6.51
CA PHE A 136 -8.73 -5.13 5.56
C PHE A 136 -8.02 -3.98 6.30
N LEU A 137 -8.77 -3.29 7.17
CA LEU A 137 -8.21 -2.16 7.94
C LEU A 137 -6.99 -2.54 8.78
N CYS A 138 -7.12 -3.63 9.53
CA CYS A 138 -6.05 -4.09 10.39
C CYS A 138 -4.83 -4.51 9.57
N MET A 139 -5.06 -5.19 8.45
CA MET A 139 -3.97 -5.61 7.58
C MET A 139 -3.24 -4.44 6.97
N LYS A 140 -4.00 -3.43 6.53
CA LYS A 140 -3.41 -2.24 5.91
C LYS A 140 -2.53 -1.46 6.94
N ALA A 141 -2.99 -1.45 8.18
CA ALA A 141 -2.22 -0.78 9.23
C ALA A 141 -0.89 -1.52 9.44
N LEU A 142 -0.94 -2.84 9.45
CA LEU A 142 0.27 -3.65 9.63
C LEU A 142 1.26 -3.43 8.49
N LEU A 143 0.75 -3.08 7.31
CA LEU A 143 1.62 -2.82 6.17
C LEU A 143 2.50 -1.59 6.41
N LEU A 144 2.04 -0.69 7.25
CA LEU A 144 2.83 0.50 7.59
C LEU A 144 4.10 0.08 8.38
N PHE A 145 4.01 -1.08 9.03
CA PHE A 145 5.13 -1.57 9.86
C PHE A 145 5.70 -2.86 9.28
N SER A 146 5.81 -2.92 7.95
CA SER A 146 6.29 -4.13 7.30
C SER A 146 7.52 -3.93 6.46
N ILE A 147 8.20 -2.80 6.63
CA ILE A 147 9.43 -2.53 5.87
C ILE A 147 10.33 -1.53 6.57
N ILE A 148 11.52 -1.99 6.95
CA ILE A 148 12.47 -1.15 7.67
C ILE A 148 13.90 -1.45 7.23
N PRO A 149 14.83 -0.51 7.51
CA PRO A 149 16.23 -0.72 7.12
C PRO A 149 16.86 -1.89 7.85
N VAL A 150 17.82 -2.54 7.20
CA VAL A 150 18.51 -3.69 7.77
C VAL A 150 19.22 -3.35 9.08
N ASP A 151 19.71 -2.11 9.18
CA ASP A 151 20.41 -1.68 10.39
C ASP A 151 19.46 -1.16 11.47
N GLY A 152 18.17 -1.46 11.32
CA GLY A 152 17.19 -1.03 12.30
C GLY A 152 16.87 0.45 12.27
N LEU A 153 15.84 0.83 13.02
CA LEU A 153 15.41 2.22 13.12
C LEU A 153 16.08 2.94 14.29
N LYS A 154 15.80 4.23 14.42
CA LYS A 154 16.34 5.04 15.50
C LYS A 154 15.95 4.39 16.84
N ASN A 155 14.75 3.83 16.89
CA ASN A 155 14.28 3.18 18.10
C ASN A 155 13.54 1.89 17.73
N GLN A 156 14.29 0.84 17.39
CA GLN A 156 13.71 -0.45 17.04
C GLN A 156 12.84 -1.05 18.12
N LYS A 157 13.23 -0.81 19.37
CA LYS A 157 12.47 -1.35 20.51
C LYS A 157 11.00 -1.00 20.36
N PHE A 158 10.71 0.29 20.34
CA PHE A 158 9.34 0.78 20.22
C PHE A 158 8.63 0.27 18.97
N PHE A 159 9.35 0.23 17.86
CA PHE A 159 8.75 -0.26 16.62
C PHE A 159 8.37 -1.73 16.74
N ASP A 160 9.27 -2.53 17.28
CA ASP A 160 8.99 -3.96 17.43
C ASP A 160 7.78 -4.19 18.35
N GLU A 161 7.69 -3.38 19.40
CA GLU A 161 6.57 -3.50 20.33
C GLU A 161 5.26 -3.09 19.64
N LEU A 162 5.30 -1.99 18.90
CA LEU A 162 4.13 -1.49 18.22
C LEU A 162 3.64 -2.48 17.16
N ARG A 163 4.59 -3.02 16.39
CA ARG A 163 4.24 -3.98 15.34
C ARG A 163 3.57 -5.20 15.96
N MET A 164 4.13 -5.67 17.06
CA MET A 164 3.58 -6.82 17.77
C MET A 164 2.14 -6.56 18.20
N ASN A 165 1.90 -5.38 18.77
CA ASN A 165 0.55 -5.02 19.21
C ASN A 165 -0.47 -5.00 18.06
N TYR A 166 -0.02 -4.59 16.88
CA TYR A 166 -0.92 -4.55 15.73
C TYR A 166 -1.15 -5.96 15.22
N ILE A 167 -0.17 -6.83 15.37
CA ILE A 167 -0.32 -8.21 14.94
C ILE A 167 -1.33 -8.90 15.87
N LYS A 168 -1.30 -8.50 17.14
CA LYS A 168 -2.22 -9.06 18.13
C LYS A 168 -3.65 -8.59 17.84
N GLU A 169 -3.78 -7.32 17.46
CA GLU A 169 -5.09 -6.76 17.14
C GLU A 169 -5.71 -7.53 15.98
N LEU A 170 -4.88 -7.92 15.02
CA LEU A 170 -5.35 -8.68 13.88
C LEU A 170 -5.92 -10.02 14.35
N ASP A 171 -5.27 -10.61 15.35
CA ASP A 171 -5.71 -11.88 15.89
C ASP A 171 -7.09 -11.75 16.48
N ARG A 172 -7.29 -10.73 17.30
CA ARG A 172 -8.59 -10.52 17.93
C ARG A 172 -9.69 -10.39 16.88
N ILE A 173 -9.42 -9.64 15.83
CA ILE A 173 -10.39 -9.45 14.75
C ILE A 173 -10.75 -10.80 14.14
N ILE A 174 -9.78 -11.69 14.07
CA ILE A 174 -9.99 -13.01 13.50
C ILE A 174 -10.72 -13.91 14.50
N ALA A 175 -10.35 -13.81 15.78
CA ALA A 175 -10.96 -14.61 16.83
C ALA A 175 -12.29 -14.05 17.32
N CYS A 176 -12.72 -12.93 16.75
CA CYS A 176 -13.97 -12.31 17.16
C CYS A 176 -15.15 -12.68 16.26
N LYS A 177 -15.08 -13.86 15.65
CA LYS A 177 -16.16 -14.33 14.78
C LYS A 177 -15.92 -15.76 14.30
N ARG A 178 -14.66 -16.19 14.28
CA ARG A 178 -14.31 -17.54 13.84
C ARG A 178 -14.80 -18.58 14.85
N LYS A 179 -16.05 -18.98 14.73
CA LYS A 179 -16.65 -19.97 15.62
C LYS A 179 -16.10 -21.36 15.30
N ASN A 180 -15.77 -21.57 14.03
CA ASN A 180 -15.23 -22.85 13.58
C ASN A 180 -13.84 -23.06 14.15
N PRO A 181 -13.60 -24.23 14.80
CA PRO A 181 -12.32 -24.57 15.41
C PRO A 181 -11.19 -24.85 14.41
N THR A 182 -11.56 -25.16 13.17
CA THR A 182 -10.57 -25.47 12.14
C THR A 182 -10.54 -24.37 11.07
N SER A 183 -10.67 -23.12 11.48
CA SER A 183 -10.66 -22.00 10.55
C SER A 183 -9.89 -20.81 11.13
N CYS A 184 -9.92 -20.67 12.45
CA CYS A 184 -9.25 -19.56 13.12
C CYS A 184 -7.77 -19.49 12.74
N SER A 185 -7.02 -20.53 13.10
CA SER A 185 -5.59 -20.58 12.79
C SER A 185 -5.36 -20.50 11.28
N ARG A 186 -6.21 -21.19 10.53
CA ARG A 186 -6.11 -21.21 9.08
C ARG A 186 -6.26 -19.79 8.53
N ARG A 187 -7.11 -19.01 9.16
CA ARG A 187 -7.36 -17.64 8.74
C ARG A 187 -6.11 -16.78 8.88
N PHE A 188 -5.46 -16.86 10.04
CA PHE A 188 -4.25 -16.08 10.29
C PHE A 188 -3.20 -16.42 9.23
N TYR A 189 -3.15 -17.70 8.88
CA TYR A 189 -2.21 -18.17 7.87
C TYR A 189 -2.51 -17.50 6.54
N GLN A 190 -3.78 -17.52 6.14
CA GLN A 190 -4.20 -16.92 4.89
C GLN A 190 -3.92 -15.43 4.81
N LEU A 191 -4.24 -14.70 5.88
CA LEU A 191 -4.03 -13.25 5.92
C LEU A 191 -2.55 -12.89 5.88
N THR A 192 -1.72 -13.61 6.65
CA THR A 192 -0.30 -13.32 6.67
C THR A 192 0.32 -13.60 5.31
N LYS A 193 -0.21 -14.60 4.61
CA LYS A 193 0.26 -14.92 3.26
C LYS A 193 -0.12 -13.79 2.31
N LEU A 194 -1.34 -13.30 2.45
CA LEU A 194 -1.84 -12.20 1.63
C LEU A 194 -0.95 -10.96 1.82
N LEU A 195 -0.69 -10.63 3.09
CA LEU A 195 0.16 -9.48 3.41
C LEU A 195 1.54 -9.60 2.77
N ASP A 196 2.11 -10.80 2.81
CA ASP A 196 3.41 -11.03 2.20
C ASP A 196 3.38 -10.87 0.68
N SER A 197 2.29 -11.29 0.04
CA SER A 197 2.18 -11.23 -1.41
C SER A 197 2.17 -9.79 -1.89
N VAL A 198 1.98 -8.85 -0.97
CA VAL A 198 1.99 -7.44 -1.33
C VAL A 198 3.41 -6.92 -1.61
N GLN A 199 4.37 -7.34 -0.81
CA GLN A 199 5.74 -6.87 -0.94
C GLN A 199 6.35 -7.08 -2.32
N PRO A 200 6.24 -8.30 -2.87
CA PRO A 200 6.78 -8.59 -4.21
C PRO A 200 6.24 -7.61 -5.25
N ILE A 201 4.96 -7.29 -5.14
CA ILE A 201 4.31 -6.37 -6.07
C ILE A 201 4.86 -4.96 -5.88
N ALA A 202 5.03 -4.58 -4.62
CA ALA A 202 5.55 -3.26 -4.27
C ALA A 202 6.96 -3.07 -4.80
N ARG A 203 7.77 -4.11 -4.72
CA ARG A 203 9.16 -4.02 -5.16
C ARG A 203 9.24 -3.84 -6.67
N GLU A 204 8.33 -4.48 -7.39
CA GLU A 204 8.30 -4.33 -8.84
C GLU A 204 7.95 -2.89 -9.23
N LEU A 205 7.06 -2.27 -8.45
CA LEU A 205 6.65 -0.90 -8.76
C LEU A 205 7.74 0.03 -8.33
N HIS A 206 8.47 -0.35 -7.28
CA HIS A 206 9.60 0.44 -6.80
C HIS A 206 10.66 0.57 -7.91
N GLN A 207 11.00 -0.57 -8.51
CA GLN A 207 11.98 -0.60 -9.59
C GLN A 207 11.47 0.16 -10.82
N PHE A 208 10.19 -0.04 -11.13
CA PHE A 208 9.59 0.61 -12.28
C PHE A 208 9.55 2.13 -12.16
N THR A 209 9.07 2.62 -11.03
CA THR A 209 8.98 4.07 -10.81
C THR A 209 10.40 4.70 -10.76
N PHE A 210 11.34 3.95 -10.20
CA PHE A 210 12.72 4.41 -10.12
C PHE A 210 13.28 4.65 -11.53
N ASP A 211 13.17 3.65 -12.39
CA ASP A 211 13.66 3.76 -13.76
C ASP A 211 12.95 4.86 -14.52
N LEU A 212 11.66 5.04 -14.22
CA LEU A 212 10.87 6.05 -14.88
C LEU A 212 11.34 7.46 -14.51
N LEU A 213 11.65 7.63 -13.22
CA LEU A 213 12.13 8.92 -12.74
C LEU A 213 13.46 9.30 -13.39
N ILE A 214 14.35 8.33 -13.54
CA ILE A 214 15.65 8.55 -14.15
C ILE A 214 15.51 9.09 -15.58
N LYS A 215 14.64 8.46 -16.37
CA LYS A 215 14.44 8.88 -17.75
C LYS A 215 13.10 9.58 -17.93
N SER A 216 12.66 10.26 -16.88
CA SER A 216 11.40 10.98 -16.90
C SER A 216 11.39 12.12 -17.93
N HIS A 217 12.53 12.77 -18.10
CA HIS A 217 12.66 13.88 -19.06
C HIS A 217 12.61 13.43 -20.51
N MET A 218 12.99 12.18 -20.76
CA MET A 218 12.98 11.65 -22.12
C MET A 218 11.63 11.12 -22.56
N VAL A 219 10.80 10.71 -21.59
CA VAL A 219 9.48 10.19 -21.90
C VAL A 219 8.36 11.17 -21.54
N SER A 220 8.75 12.39 -21.20
CA SER A 220 7.80 13.45 -20.84
C SER A 220 6.84 13.04 -19.72
N VAL A 221 7.38 12.52 -18.62
CA VAL A 221 6.57 12.14 -17.47
C VAL A 221 6.88 13.08 -16.31
N ASP A 222 5.85 13.66 -15.72
CA ASP A 222 6.03 14.59 -14.62
C ASP A 222 5.97 13.92 -13.26
N PHE A 223 6.91 14.27 -12.39
CA PHE A 223 6.96 13.74 -11.04
C PHE A 223 6.84 14.88 -10.03
N PRO A 224 5.78 14.87 -9.20
CA PRO A 224 5.59 15.92 -8.19
C PRO A 224 6.82 16.04 -7.29
N GLU A 225 6.87 17.13 -6.53
CA GLU A 225 8.00 17.39 -5.63
C GLU A 225 8.29 16.24 -4.67
N MET A 226 7.31 15.92 -3.83
CA MET A 226 7.49 14.85 -2.84
C MET A 226 7.82 13.50 -3.45
N MET A 227 7.09 13.12 -4.50
CA MET A 227 7.31 11.85 -5.16
C MET A 227 8.75 11.74 -5.70
N ALA A 228 9.21 12.77 -6.39
CA ALA A 228 10.54 12.78 -6.97
C ALA A 228 11.61 12.68 -5.90
N GLU A 229 11.38 13.38 -4.77
CA GLU A 229 12.33 13.37 -3.68
C GLU A 229 12.42 12.00 -3.00
N ILE A 230 11.27 11.40 -2.73
CA ILE A 230 11.23 10.09 -2.08
C ILE A 230 11.74 8.96 -2.98
N ILE A 231 11.35 8.98 -4.24
CA ILE A 231 11.75 7.93 -5.17
C ILE A 231 13.25 7.96 -5.49
N SER A 232 13.87 9.12 -5.30
CA SER A 232 15.31 9.24 -5.59
C SER A 232 16.17 9.14 -4.34
N VAL A 233 15.55 9.24 -3.16
CA VAL A 233 16.29 9.18 -1.91
C VAL A 233 15.94 7.95 -1.07
N GLN A 234 14.66 7.65 -0.97
CA GLN A 234 14.21 6.52 -0.15
C GLN A 234 14.16 5.21 -0.94
N VAL A 235 13.43 5.22 -2.06
CA VAL A 235 13.30 4.02 -2.88
C VAL A 235 14.62 3.33 -3.18
N PRO A 236 15.67 4.10 -3.57
CA PRO A 236 16.97 3.49 -3.87
C PRO A 236 17.49 2.64 -2.71
N LYS A 237 17.24 3.07 -1.48
CA LYS A 237 17.69 2.32 -0.31
C LYS A 237 17.05 0.94 -0.29
N ILE A 238 15.82 0.86 -0.78
CA ILE A 238 15.12 -0.43 -0.82
C ILE A 238 15.68 -1.30 -1.95
N LEU A 239 15.87 -0.70 -3.12
CA LEU A 239 16.37 -1.41 -4.28
C LEU A 239 17.81 -1.85 -4.09
N SER A 240 18.57 -1.11 -3.28
CA SER A 240 19.99 -1.42 -3.03
C SER A 240 20.12 -2.46 -1.92
N GLY A 241 19.01 -2.83 -1.29
CA GLY A 241 19.05 -3.82 -0.24
C GLY A 241 19.30 -3.28 1.15
N LYS A 242 19.33 -1.96 1.30
CA LYS A 242 19.56 -1.31 2.60
C LYS A 242 18.28 -1.35 3.44
N VAL A 243 17.15 -1.42 2.77
CA VAL A 243 15.84 -1.47 3.42
C VAL A 243 15.07 -2.65 2.85
N LYS A 244 14.67 -3.57 3.72
CA LYS A 244 13.94 -4.76 3.30
C LYS A 244 12.60 -4.93 4.01
N PRO A 245 11.62 -5.53 3.33
CA PRO A 245 10.29 -5.76 3.90
C PRO A 245 10.35 -6.85 4.96
N ILE A 246 9.39 -6.84 5.87
CA ILE A 246 9.33 -7.84 6.92
C ILE A 246 8.30 -8.90 6.55
N TYR A 247 8.76 -10.06 6.11
CA TYR A 247 7.87 -11.16 5.75
C TYR A 247 7.49 -12.03 6.95
N PHE A 248 6.30 -12.62 6.91
CA PHE A 248 5.86 -13.49 7.99
C PHE A 248 6.43 -14.88 7.71
N HIS A 249 6.31 -15.30 6.45
CA HIS A 249 6.76 -16.62 6.02
C HIS A 249 8.01 -16.47 5.18
N THR A 250 8.83 -17.51 5.15
CA THR A 250 10.06 -17.47 4.38
C THR A 250 9.76 -17.61 2.88
S SO4 B . -2.24 -23.28 16.43
O1 SO4 B . -2.61 -23.05 15.02
O2 SO4 B . -2.56 -24.65 16.84
O3 SO4 B . -0.80 -23.05 16.59
O4 SO4 B . -2.99 -22.33 17.27
C1 DHT C . -1.00 5.63 -6.80
C2 DHT C . -2.01 5.36 -5.67
C3 DHT C . -2.70 3.97 -5.97
O3 DHT C . -3.88 3.88 -5.92
C4 DHT C . -1.82 2.83 -6.29
C5 DHT C . -0.82 3.12 -7.45
C6 DHT C . 0.14 1.91 -7.80
C7 DHT C . 1.05 2.31 -8.98
C8 DHT C . 1.92 3.59 -8.71
C9 DHT C . 0.96 4.77 -8.34
C10 DHT C . 0.01 4.45 -7.09
C11 DHT C . 1.85 6.04 -8.07
C12 DHT C . 2.81 6.45 -9.20
C13 DHT C . 3.69 5.26 -9.67
C14 DHT C . 2.80 3.99 -9.91
C15 DHT C . 3.83 2.97 -10.40
C16 DHT C . 4.71 3.81 -11.37
C17 DHT C . 4.32 5.31 -11.07
O17 DHT C . 5.49 6.14 -11.14
C18 DHT C . 4.79 5.01 -8.56
C19 DHT C . 0.91 4.19 -5.81
C1 T3 D . -4.81 -0.66 22.10
C2 T3 D . 0.17 0.66 22.37
C3 T3 D . -4.05 -0.60 23.31
C4 T3 D . -0.26 1.97 22.17
C5 T3 D . -2.67 -0.50 23.25
C6 T3 D . 0.39 3.03 22.70
C7 T3 D . -2.00 -0.46 21.99
C8 T3 D . 1.58 2.80 23.46
C9 T3 D . -2.79 -0.52 20.80
C10 T3 D . 2.05 1.47 23.69
C11 T3 D . -4.23 -0.62 20.87
C12 T3 D . 1.33 0.39 23.12
C13 T3 D . -6.26 -0.49 22.08
CA T3 D . -6.99 -1.54 22.85
C T3 D . -8.46 -1.30 22.67
I1 T3 D . -1.55 -0.47 25.05
I2 T3 D . -0.37 4.94 22.44
I3 T3 D . -1.81 -0.47 18.92
N T3 D . -6.53 -2.88 22.52
O1 T3 D . 2.26 3.90 23.99
O2 T3 D . -0.61 -0.37 21.83
OXT T3 D . -9.11 -2.07 21.83
O T3 D . -9.09 -0.45 23.34
#